data_7SJQ
#
_entry.id   7SJQ
#
_cell.length_a   56.040
_cell.length_b   65.330
_cell.length_c   99.912
_cell.angle_alpha   90.000
_cell.angle_beta   90.000
_cell.angle_gamma   90.000
#
_symmetry.space_group_name_H-M   'C 2 2 21'
#
loop_
_entity.id
_entity.type
_entity.pdbx_description
1 polymer 'Programmed cell death 1 ligand 1'
2 polymer 'Cystine-dense peptide'
3 non-polymer GLYCEROL
4 non-polymer 2-acetamido-2-deoxy-beta-D-glucopyranose
5 non-polymer 'SULFATE ION'
6 non-polymer 'SODIUM ION'
7 water water
#
loop_
_entity_poly.entity_id
_entity_poly.type
_entity_poly.pdbx_seq_one_letter_code
_entity_poly.pdbx_strand_id
1 'polypeptide(L)'
;GSAFTVTVPKDLYVVEYGSNMTIECKFPVEKQLDLAALIVYWEMEDKNIIQFVHGEEDLKVQHSSYRQRARLLKDQLSLG
NAALQITDVKLQDAGVYRCMISYGGADYKRITVKVNAPY
;
A
2 'polypeptide(L)' GSEEDCKVHCVKEWMAGKACAERQKSYTIGRAHCSGQKFDVFKCLDHCAAP D
#
# COMPACT_ATOMS: atom_id res chain seq x y z
N ALA A 3 9.27 16.45 6.59
CA ALA A 3 9.14 14.98 6.91
C ALA A 3 8.42 14.28 5.75
N PHE A 4 8.81 13.05 5.44
CA PHE A 4 8.13 12.20 4.43
C PHE A 4 6.80 11.74 4.99
N THR A 5 5.70 12.08 4.34
CA THR A 5 4.35 11.69 4.79
C THR A 5 3.55 11.07 3.65
N VAL A 6 2.88 9.95 3.94
CA VAL A 6 1.86 9.35 3.04
C VAL A 6 0.50 9.90 3.50
N THR A 7 -0.34 10.29 2.55
CA THR A 7 -1.70 10.83 2.81
C THR A 7 -2.70 10.08 1.96
N VAL A 8 -3.93 9.96 2.45
CA VAL A 8 -5.03 9.27 1.73
C VAL A 8 -6.13 10.32 1.51
N PRO A 9 -6.55 10.56 0.25
CA PRO A 9 -7.67 11.46 -0.02
C PRO A 9 -8.95 10.98 0.66
N LYS A 10 -9.09 9.67 0.86
CA LYS A 10 -10.24 9.03 1.57
C LYS A 10 -9.72 7.95 2.50
N ASP A 11 -10.22 7.93 3.73
CA ASP A 11 -9.82 6.91 4.73
C ASP A 11 -10.94 5.85 4.79
N LEU A 12 -12.04 6.07 4.08
CA LEU A 12 -13.18 5.12 4.01
C LEU A 12 -13.70 5.05 2.57
N TYR A 13 -13.81 3.85 2.01
CA TYR A 13 -14.47 3.63 0.70
C TYR A 13 -15.62 2.67 0.94
N VAL A 14 -16.81 3.04 0.46
CA VAL A 14 -17.98 2.13 0.48
C VAL A 14 -18.19 1.72 -0.97
N VAL A 15 -18.02 0.43 -1.26
CA VAL A 15 -17.90 -0.08 -2.66
CA VAL A 15 -17.89 -0.10 -2.65
C VAL A 15 -18.93 -1.20 -2.87
N GLU A 16 -19.52 -1.25 -4.06
CA GLU A 16 -20.56 -2.25 -4.37
C GLU A 16 -19.90 -3.59 -4.68
N TYR A 17 -20.44 -4.65 -4.10
CA TYR A 17 -20.18 -6.07 -4.42
C TYR A 17 -20.20 -6.29 -5.93
N GLY A 18 -19.10 -6.79 -6.50
CA GLY A 18 -18.96 -7.07 -7.95
C GLY A 18 -18.50 -5.87 -8.75
N SER A 19 -18.36 -4.69 -8.15
CA SER A 19 -17.85 -3.49 -8.85
C SER A 19 -16.31 -3.48 -8.86
N ASN A 20 -15.75 -2.38 -9.31
CA ASN A 20 -14.28 -2.12 -9.35
C ASN A 20 -13.96 -0.98 -8.38
N MET A 21 -12.92 -1.09 -7.58
CA MET A 21 -12.53 0.06 -6.71
C MET A 21 -11.06 0.43 -6.96
N THR A 22 -10.77 1.72 -6.83
CA THR A 22 -9.39 2.25 -6.85
C THR A 22 -9.16 2.98 -5.53
N ILE A 23 -8.29 2.45 -4.70
CA ILE A 23 -7.99 3.10 -3.40
C ILE A 23 -6.62 3.76 -3.51
N GLU A 24 -6.58 5.01 -3.07
CA GLU A 24 -5.47 5.94 -3.39
C GLU A 24 -4.64 6.16 -2.15
N CYS A 25 -3.35 6.34 -2.41
CA CYS A 25 -2.32 6.62 -1.38
CA CYS A 25 -2.32 6.57 -1.42
C CYS A 25 -1.28 7.54 -2.02
N LYS A 26 -1.18 8.77 -1.50
CA LYS A 26 -0.35 9.84 -2.11
C LYS A 26 0.98 9.96 -1.38
N PHE A 27 2.03 10.32 -2.10
CA PHE A 27 3.38 10.58 -1.54
C PHE A 27 4.04 11.70 -2.34
N PRO A 28 4.93 12.50 -1.72
CA PRO A 28 5.53 13.66 -2.39
C PRO A 28 6.48 13.19 -3.47
N VAL A 29 6.32 13.76 -4.66
CA VAL A 29 7.19 13.60 -5.85
C VAL A 29 7.64 14.99 -6.34
N GLU A 30 8.95 15.27 -6.31
CA GLU A 30 9.56 16.50 -6.89
C GLU A 30 10.06 16.21 -8.31
N LYS A 31 9.50 16.89 -9.31
CA LYS A 31 9.84 16.69 -10.74
C LYS A 31 9.48 15.25 -11.10
N GLN A 32 10.38 14.49 -11.72
CA GLN A 32 10.00 13.14 -12.21
C GLN A 32 10.20 12.08 -11.11
N LEU A 33 9.36 11.06 -11.16
CA LEU A 33 9.45 9.89 -10.26
C LEU A 33 10.76 9.16 -10.52
N ASP A 34 11.45 8.69 -9.47
CA ASP A 34 12.64 7.83 -9.62
C ASP A 34 12.30 6.41 -9.13
N LEU A 35 12.12 5.46 -10.05
CA LEU A 35 11.68 4.08 -9.73
C LEU A 35 12.73 3.40 -8.86
N ALA A 36 14.02 3.73 -9.05
CA ALA A 36 15.12 3.07 -8.32
C ALA A 36 15.02 3.34 -6.80
N ALA A 37 14.34 4.41 -6.37
CA ALA A 37 14.27 4.80 -4.94
C ALA A 37 12.91 4.41 -4.32
N LEU A 38 11.97 3.85 -5.10
CA LEU A 38 10.55 3.74 -4.67
C LEU A 38 10.25 2.30 -4.24
N ILE A 39 9.63 2.15 -3.07
CA ILE A 39 8.94 0.90 -2.69
C ILE A 39 7.47 1.23 -2.38
N VAL A 40 6.55 0.45 -2.94
CA VAL A 40 5.10 0.50 -2.60
C VAL A 40 4.67 -0.90 -2.14
N TYR A 41 4.05 -0.98 -0.96
CA TYR A 41 3.55 -2.21 -0.34
C TYR A 41 2.08 -1.99 0.02
N TRP A 42 1.20 -2.74 -0.63
CA TRP A 42 -0.22 -2.83 -0.25
C TRP A 42 -0.48 -4.18 0.43
N GLU A 43 -1.19 -4.10 1.55
CA GLU A 43 -1.45 -5.23 2.46
C GLU A 43 -2.89 -5.13 2.96
N MET A 44 -3.50 -6.26 3.31
CA MET A 44 -4.87 -6.32 3.88
C MET A 44 -4.93 -7.51 4.86
N GLU A 45 -4.89 -7.19 6.15
CA GLU A 45 -5.05 -8.19 7.26
C GLU A 45 -4.14 -9.38 6.95
N ASP A 46 -2.85 -9.08 6.75
CA ASP A 46 -1.71 -10.03 6.59
C ASP A 46 -1.71 -10.73 5.22
N LYS A 47 -2.52 -10.27 4.26
CA LYS A 47 -2.47 -10.75 2.86
C LYS A 47 -1.67 -9.74 2.05
N ASN A 48 -0.63 -10.17 1.35
CA ASN A 48 0.25 -9.27 0.56
C ASN A 48 -0.36 -9.08 -0.83
N ILE A 49 -0.73 -7.85 -1.18
CA ILE A 49 -1.47 -7.56 -2.45
C ILE A 49 -0.49 -7.06 -3.53
N ILE A 50 0.29 -6.02 -3.19
CA ILE A 50 1.32 -5.41 -4.08
C ILE A 50 2.61 -5.32 -3.30
N GLN A 51 3.70 -5.82 -3.88
CA GLN A 51 5.08 -5.50 -3.43
C GLN A 51 5.88 -4.97 -4.61
N PHE A 52 5.93 -3.65 -4.73
CA PHE A 52 6.61 -2.93 -5.84
C PHE A 52 7.95 -2.46 -5.27
N VAL A 53 9.03 -3.14 -5.62
CA VAL A 53 10.38 -2.86 -5.06
C VAL A 53 11.25 -2.29 -6.17
N HIS A 54 11.53 -0.99 -6.10
CA HIS A 54 12.41 -0.27 -7.06
C HIS A 54 12.01 -0.55 -8.51
N GLY A 55 10.70 -0.68 -8.77
CA GLY A 55 10.16 -0.91 -10.13
C GLY A 55 9.83 -2.37 -10.41
N GLU A 56 10.20 -3.29 -9.52
CA GLU A 56 10.11 -4.75 -9.76
C GLU A 56 8.87 -5.28 -9.03
N GLU A 57 8.01 -6.01 -9.73
CA GLU A 57 6.86 -6.72 -9.09
C GLU A 57 6.94 -8.21 -9.41
N ASP A 58 6.66 -9.06 -8.44
CA ASP A 58 6.71 -10.55 -8.56
C ASP A 58 5.30 -11.07 -8.29
N LEU A 59 4.59 -11.52 -9.33
CA LEU A 59 3.22 -12.07 -9.18
C LEU A 59 3.22 -13.25 -8.20
N LYS A 60 4.32 -14.01 -8.12
CA LYS A 60 4.38 -15.27 -7.32
C LYS A 60 4.06 -14.95 -5.85
N VAL A 61 4.32 -13.73 -5.36
CA VAL A 61 4.14 -13.40 -3.91
C VAL A 61 2.85 -12.60 -3.69
N GLN A 62 2.03 -12.42 -4.69
CA GLN A 62 0.67 -11.86 -4.47
C GLN A 62 -0.20 -12.93 -3.80
N HIS A 63 -0.93 -12.58 -2.75
CA HIS A 63 -1.91 -13.50 -2.11
C HIS A 63 -2.91 -14.04 -3.13
N SER A 64 -3.23 -15.35 -3.04
CA SER A 64 -4.11 -16.07 -4.01
C SER A 64 -5.46 -15.39 -4.11
N SER A 65 -6.00 -14.84 -3.03
CA SER A 65 -7.34 -14.16 -3.07
C SER A 65 -7.32 -12.91 -3.97
N TYR A 66 -6.17 -12.35 -4.36
CA TYR A 66 -6.13 -11.09 -5.18
C TYR A 66 -5.70 -11.37 -6.63
N ARG A 67 -5.42 -12.62 -7.01
CA ARG A 67 -4.84 -12.96 -8.34
C ARG A 67 -5.79 -12.54 -9.46
N GLN A 68 -5.27 -11.83 -10.46
CA GLN A 68 -6.02 -11.38 -11.66
C GLN A 68 -7.04 -10.31 -11.27
N ARG A 69 -7.04 -9.80 -10.04
CA ARG A 69 -8.01 -8.80 -9.58
C ARG A 69 -7.33 -7.50 -9.11
N ALA A 70 -6.08 -7.55 -8.63
CA ALA A 70 -5.42 -6.37 -8.02
C ALA A 70 -4.23 -5.94 -8.86
N ARG A 71 -4.12 -4.65 -9.15
CA ARG A 71 -2.86 -4.08 -9.68
C ARG A 71 -2.62 -2.66 -9.19
N LEU A 72 -1.35 -2.30 -9.15
CA LEU A 72 -0.89 -0.93 -8.90
C LEU A 72 -1.00 -0.19 -10.24
N LEU A 73 -1.77 0.87 -10.31
CA LEU A 73 -1.94 1.67 -11.57
C LEU A 73 -0.67 2.49 -11.80
N LYS A 74 0.05 2.21 -12.88
CA LYS A 74 1.39 2.83 -13.16
C LYS A 74 1.27 4.31 -13.55
N ASP A 75 0.21 4.72 -14.25
CA ASP A 75 0.06 6.13 -14.71
C ASP A 75 -0.09 7.07 -13.50
N GLN A 76 -0.80 6.65 -12.48
CA GLN A 76 -0.98 7.42 -11.24
C GLN A 76 0.37 7.52 -10.49
N LEU A 77 1.17 6.47 -10.58
CA LEU A 77 2.43 6.37 -9.82
C LEU A 77 3.35 7.56 -10.15
N SER A 78 3.40 7.96 -11.43
CA SER A 78 4.21 9.09 -11.95
C SER A 78 3.85 10.39 -11.23
N LEU A 79 2.58 10.54 -10.78
CA LEU A 79 2.04 11.77 -10.12
C LEU A 79 2.12 11.68 -8.59
N GLY A 80 2.80 10.70 -8.01
CA GLY A 80 2.84 10.51 -6.55
C GLY A 80 1.53 9.94 -6.02
N ASN A 81 0.86 9.12 -6.82
CA ASN A 81 -0.40 8.43 -6.42
C ASN A 81 -0.21 6.92 -6.61
N ALA A 82 -0.06 6.19 -5.51
CA ALA A 82 0.03 4.72 -5.51
C ALA A 82 -1.40 4.17 -5.50
N ALA A 83 -2.04 4.00 -6.63
CA ALA A 83 -3.46 3.61 -6.68
C ALA A 83 -3.56 2.09 -6.86
N LEU A 84 -4.23 1.43 -5.90
CA LEU A 84 -4.53 -0.01 -5.96
C LEU A 84 -5.94 -0.17 -6.54
N GLN A 85 -6.04 -0.80 -7.71
CA GLN A 85 -7.34 -1.10 -8.36
C GLN A 85 -7.65 -2.57 -8.10
N ILE A 86 -8.80 -2.85 -7.52
CA ILE A 86 -9.29 -4.24 -7.34
C ILE A 86 -10.56 -4.36 -8.16
N THR A 87 -10.60 -5.32 -9.11
CA THR A 87 -11.78 -5.53 -9.98
C THR A 87 -12.61 -6.66 -9.40
N ASP A 88 -13.92 -6.63 -9.66
CA ASP A 88 -14.82 -7.73 -9.23
C ASP A 88 -14.73 -7.87 -7.71
N VAL A 89 -15.07 -6.80 -7.01
CA VAL A 89 -14.92 -6.66 -5.53
C VAL A 89 -15.77 -7.74 -4.88
N LYS A 90 -15.17 -8.49 -3.95
CA LYS A 90 -15.79 -9.59 -3.19
C LYS A 90 -16.22 -9.08 -1.81
N LEU A 91 -17.14 -9.79 -1.17
CA LEU A 91 -17.52 -9.45 0.23
C LEU A 91 -16.26 -9.57 1.11
N GLN A 92 -15.39 -10.54 0.84
CA GLN A 92 -14.13 -10.80 1.59
C GLN A 92 -13.12 -9.67 1.39
N ASP A 93 -13.33 -8.74 0.45
CA ASP A 93 -12.42 -7.58 0.21
C ASP A 93 -12.63 -6.49 1.25
N ALA A 94 -13.73 -6.56 2.02
CA ALA A 94 -14.04 -5.62 3.11
C ALA A 94 -12.98 -5.74 4.19
N GLY A 95 -12.49 -4.61 4.71
CA GLY A 95 -11.51 -4.63 5.81
C GLY A 95 -10.52 -3.49 5.71
N VAL A 96 -9.42 -3.63 6.42
CA VAL A 96 -8.46 -2.51 6.59
C VAL A 96 -7.27 -2.80 5.67
N TYR A 97 -7.03 -1.88 4.75
CA TYR A 97 -5.89 -1.91 3.81
C TYR A 97 -4.81 -1.00 4.38
N ARG A 98 -3.56 -1.40 4.24
CA ARG A 98 -2.40 -0.54 4.57
C ARG A 98 -1.56 -0.36 3.32
N CYS A 99 -1.21 0.90 3.06
CA CYS A 99 -0.24 1.30 2.01
CA CYS A 99 -0.27 1.34 2.01
C CYS A 99 0.99 1.88 2.68
N MET A 100 2.11 1.20 2.50
CA MET A 100 3.44 1.67 2.95
CA MET A 100 3.42 1.69 2.94
C MET A 100 4.18 2.16 1.70
N ILE A 101 4.69 3.39 1.76
CA ILE A 101 5.52 3.98 0.69
C ILE A 101 6.86 4.34 1.30
N SER A 102 7.94 3.90 0.63
CA SER A 102 9.34 4.30 0.91
C SER A 102 9.85 5.06 -0.32
N TYR A 103 10.18 6.33 -0.13
CA TYR A 103 10.68 7.22 -1.22
C TYR A 103 11.45 8.38 -0.57
N GLY A 104 12.76 8.18 -0.40
CA GLY A 104 13.57 8.90 0.60
C GLY A 104 13.21 8.35 1.97
N GLY A 105 12.33 9.04 2.68
CA GLY A 105 11.75 8.53 3.95
C GLY A 105 10.71 7.44 3.71
N ALA A 106 10.02 7.03 4.77
CA ALA A 106 8.98 5.97 4.75
C ALA A 106 7.81 6.37 5.65
N ASP A 107 6.62 5.88 5.31
CA ASP A 107 5.38 6.08 6.11
C ASP A 107 4.34 5.09 5.57
N TYR A 108 3.21 4.98 6.27
CA TYR A 108 2.06 4.15 5.84
C TYR A 108 0.77 4.78 6.34
N LYS A 109 -0.32 4.45 5.66
CA LYS A 109 -1.68 4.82 6.10
C LYS A 109 -2.57 3.57 6.03
N ARG A 110 -3.63 3.60 6.84
CA ARG A 110 -4.75 2.63 6.88
C ARG A 110 -5.91 3.22 6.08
N ILE A 111 -6.58 2.40 5.29
CA ILE A 111 -7.84 2.75 4.57
C ILE A 111 -8.87 1.67 4.90
N THR A 112 -10.06 2.07 5.35
CA THR A 112 -11.17 1.09 5.58
C THR A 112 -11.98 0.95 4.30
N VAL A 113 -12.21 -0.28 3.86
CA VAL A 113 -13.14 -0.56 2.73
C VAL A 113 -14.33 -1.32 3.29
N LYS A 114 -15.54 -0.82 3.02
CA LYS A 114 -16.81 -1.54 3.29
C LYS A 114 -17.43 -1.96 1.96
N VAL A 115 -17.94 -3.18 1.89
CA VAL A 115 -18.55 -3.74 0.64
C VAL A 115 -20.07 -3.81 0.87
N ASN A 116 -20.84 -3.07 0.08
CA ASN A 116 -22.32 -3.06 0.21
CA ASN A 116 -22.32 -3.00 0.18
C ASN A 116 -22.91 -3.86 -0.95
N ALA A 117 -24.14 -4.32 -0.77
CA ALA A 117 -24.88 -5.05 -1.81
C ALA A 117 -26.19 -4.30 -1.96
N PRO A 118 -26.21 -3.23 -2.79
CA PRO A 118 -27.38 -2.37 -2.91
C PRO A 118 -28.60 -3.10 -3.50
N TYR A 119 -29.76 -2.71 -3.02
CA TYR A 119 -31.06 -3.25 -3.49
C TYR A 119 -32.12 -2.16 -3.46
N SER B 2 15.76 12.02 13.23
CA SER B 2 15.90 10.81 14.09
C SER B 2 14.71 9.88 13.88
N GLU B 3 13.49 10.42 13.85
CA GLU B 3 12.26 9.65 13.58
C GLU B 3 12.32 9.14 12.13
N GLU B 4 12.68 10.02 11.18
CA GLU B 4 12.85 9.71 9.74
C GLU B 4 13.80 8.50 9.59
N ASP B 5 14.90 8.49 10.35
CA ASP B 5 15.97 7.45 10.25
C ASP B 5 15.45 6.11 10.80
N CYS B 6 14.69 6.13 11.89
CA CYS B 6 14.05 4.93 12.50
C CYS B 6 13.14 4.27 11.44
N LYS B 7 12.41 5.07 10.69
CA LYS B 7 11.38 4.59 9.72
C LYS B 7 12.10 3.97 8.50
N VAL B 8 13.09 4.67 7.92
CA VAL B 8 13.96 4.13 6.83
C VAL B 8 14.49 2.76 7.26
N HIS B 9 14.92 2.62 8.50
CA HIS B 9 15.52 1.38 9.04
C HIS B 9 14.49 0.24 9.10
N CYS B 10 13.24 0.55 9.48
CA CYS B 10 12.10 -0.40 9.45
C CYS B 10 12.02 -1.00 8.04
N VAL B 11 12.11 -0.16 7.02
CA VAL B 11 11.98 -0.58 5.59
C VAL B 11 13.18 -1.46 5.25
N LYS B 12 14.38 -1.05 5.68
CA LYS B 12 15.65 -1.79 5.54
C LYS B 12 15.44 -3.21 6.07
N GLU B 13 14.94 -3.35 7.29
CA GLU B 13 14.77 -4.65 7.98
C GLU B 13 13.63 -5.44 7.30
N TRP B 14 12.59 -4.76 6.82
CA TRP B 14 11.46 -5.43 6.10
C TRP B 14 12.01 -6.08 4.83
N MET B 15 12.85 -5.34 4.08
CA MET B 15 13.56 -5.83 2.87
C MET B 15 14.46 -7.01 3.22
N ALA B 16 15.30 -6.88 4.24
CA ALA B 16 16.22 -7.94 4.71
C ALA B 16 15.44 -9.24 4.95
N GLY B 17 14.28 -9.15 5.61
CA GLY B 17 13.38 -10.29 5.86
C GLY B 17 12.99 -10.99 4.56
N LYS B 18 12.67 -10.20 3.52
CA LYS B 18 12.19 -10.66 2.20
C LYS B 18 13.27 -11.54 1.54
N ALA B 19 14.54 -11.22 1.71
CA ALA B 19 15.68 -12.08 1.31
C ALA B 19 15.69 -13.39 2.12
N CYS B 20 15.68 -13.31 3.46
CA CYS B 20 15.89 -14.44 4.41
C CYS B 20 14.61 -15.30 4.52
N LYS B 38 8.70 -13.55 10.93
CA LYS B 38 7.73 -12.63 10.26
C LYS B 38 7.84 -11.25 10.90
N PHE B 39 8.67 -10.38 10.30
CA PHE B 39 8.92 -8.98 10.73
C PHE B 39 7.70 -8.11 10.38
N ASP B 40 7.10 -7.41 11.36
CA ASP B 40 5.93 -6.52 11.12
C ASP B 40 6.42 -5.08 10.94
N VAL B 41 6.53 -4.63 9.70
CA VAL B 41 7.03 -3.27 9.34
C VAL B 41 6.08 -2.19 9.87
N PHE B 42 4.78 -2.46 10.00
CA PHE B 42 3.78 -1.45 10.47
C PHE B 42 3.98 -1.21 11.97
N LYS B 43 4.10 -2.28 12.76
CA LYS B 43 4.50 -2.23 14.19
C LYS B 43 5.81 -1.44 14.30
N CYS B 44 6.82 -1.77 13.49
CA CYS B 44 8.13 -1.09 13.49
C CYS B 44 7.93 0.40 13.21
N LEU B 45 7.21 0.77 12.16
CA LEU B 45 6.98 2.20 11.83
C LEU B 45 6.20 2.87 12.97
N ASP B 46 5.16 2.22 13.49
CA ASP B 46 4.35 2.72 14.63
C ASP B 46 5.28 3.13 15.77
N HIS B 47 6.26 2.29 16.11
CA HIS B 47 7.13 2.43 17.30
C HIS B 47 8.10 3.59 17.12
N CYS B 48 8.50 3.87 15.87
CA CYS B 48 9.32 5.06 15.51
C CYS B 48 8.56 6.34 15.87
N ALA B 49 7.24 6.36 15.68
CA ALA B 49 6.40 7.54 15.97
C ALA B 49 6.01 7.55 17.45
N ALA B 50 5.95 6.38 18.09
CA ALA B 50 5.51 6.18 19.49
C ALA B 50 6.43 6.98 20.42
N PRO B 51 5.89 7.66 21.45
CA PRO B 51 6.71 8.44 22.39
C PRO B 51 7.37 7.59 23.49
#